data_6ZQ1
#
_entry.id   6ZQ1
#
_cell.length_a   59.803
_cell.length_b   65.914
_cell.length_c   193.563
_cell.angle_alpha   90.000
_cell.angle_beta   90.000
_cell.angle_gamma   90.000
#
_symmetry.space_group_name_H-M   'P 21 21 21'
#
loop_
_entity.id
_entity.type
_entity.pdbx_description
1 polymer MgGH51
2 branched 2-acetamido-2-deoxy-beta-D-glucopyranose-(1-4)-2-acetamido-2-deoxy-beta-D-glucopyranose
3 branched beta-D-mannopyranose-(1-4)-2-acetamido-2-deoxy-beta-D-glucopyranose-(1-4)-2-acetamido-2-deoxy-beta-D-glucopyranose
4 non-polymer 1,4-DIDEOXY-1,4-IMINO-L-ARABINITOL
5 non-polymer 'CHLORIDE ION'
6 water water
#
_entity_poly.entity_id   1
_entity_poly.type   'polypeptide(L)'
_entity_poly.pdbx_seq_one_letter_code
;VTVTVNKNPSHTVPSTLYGLMFEDINHSGDGGLYAELLQNRAFQQVTPNTAAALAAWHPISNAKLAVIQDPSPVSNALPN
SLQFSVPSGSSGRVGFTNEGFWGIKVDSTWTYKASLFFRFPTSSSFSGALTVGLQTNAGRVLAQNSTQIRGTTTKWTQIN
LELHPTASAPDVSNSFFVTIDGAAGAGQTINFAMFSLFPPTFKNRPNGLRADIAETLAEMGPSFFRFPGGNNLEGQTTAT
RWQWNATVGSLLDRPGRVGDWGYVNTDGLGLLEYLQFFEDTGMEPIMAVWAGYSLGGTSLAENQLAPYIQQAIDQINFVI
GDPAKSAPAALRASLGHPEPFTLRFVEVGNEDFFAAGSYPYRWHDFVTALQAQFPQIRFIATTNAWNPVLSPVPQSYDVH
VYQTPTWFYQNAFYYDGFQRNGTTYFEGEYAAISTNANDLFGTVADGRLAFPTVQSATGEAAFMTGLERNSDIVFAASYA
PLLQHVNSTQWTPDLVSYDAGSVIKSTSFFAQKLFALNKGDQYLPSTLPTNGGTLHWSITRASSSGKTFIKIANAGSSAQ
SLTFQLTQFNSVSSTGTLQVLTGPETASNTPEAPQAIVPKTSTIGTGKTFTYNAPAFSVSVITVTTN
;
_entity_poly.pdbx_strand_id   AAA
#
# COMPACT_ATOMS: atom_id res chain seq x y z
N VAL A 1 34.45 -13.24 14.48
CA VAL A 1 33.92 -14.60 14.43
C VAL A 1 34.27 -15.16 13.05
N THR A 2 34.67 -16.44 12.99
CA THR A 2 34.96 -17.12 11.71
C THR A 2 33.69 -17.79 11.22
N VAL A 3 33.28 -17.50 9.98
CA VAL A 3 32.02 -18.03 9.42
C VAL A 3 32.39 -18.94 8.27
N THR A 4 32.20 -20.26 8.44
CA THR A 4 32.44 -21.26 7.38
C THR A 4 31.17 -21.37 6.56
N VAL A 5 31.32 -21.34 5.26
CA VAL A 5 30.18 -21.42 4.32
C VAL A 5 30.18 -22.79 3.67
N ASN A 6 29.05 -23.50 3.77
CA ASN A 6 28.84 -24.84 3.16
C ASN A 6 28.55 -24.57 1.68
N LYS A 7 29.11 -25.34 0.75
CA LYS A 7 28.79 -25.20 -0.69
C LYS A 7 27.47 -25.92 -0.98
N ASN A 8 27.09 -26.90 -0.17
CA ASN A 8 25.91 -27.75 -0.49
C ASN A 8 24.68 -27.02 0.03
N PRO A 9 23.70 -26.66 -0.82
CA PRO A 9 22.49 -25.98 -0.34
C PRO A 9 21.62 -26.90 0.53
N SER A 10 20.95 -26.33 1.52
CA SER A 10 20.05 -27.11 2.41
C SER A 10 18.62 -27.04 1.88
N HIS A 11 18.24 -25.97 1.17
CA HIS A 11 16.87 -25.85 0.63
C HIS A 11 16.81 -24.77 -0.44
N THR A 12 15.77 -24.81 -1.25
CA THR A 12 15.45 -23.76 -2.23
C THR A 12 14.79 -22.60 -1.49
N VAL A 13 15.16 -21.38 -1.84
CA VAL A 13 14.64 -20.12 -1.25
C VAL A 13 13.37 -19.81 -2.01
N PRO A 14 12.22 -19.65 -1.31
CA PRO A 14 10.98 -19.38 -2.02
C PRO A 14 11.10 -18.05 -2.80
N SER A 15 10.49 -18.00 -3.97
CA SER A 15 10.47 -16.81 -4.83
C SER A 15 9.68 -15.69 -4.13
N THR A 16 8.77 -16.05 -3.21
CA THR A 16 7.85 -15.12 -2.49
C THR A 16 8.46 -14.60 -1.19
N LEU A 17 9.73 -14.87 -0.88
CA LEU A 17 10.18 -14.62 0.52
C LEU A 17 9.94 -13.15 0.89
N TYR A 18 10.26 -12.19 0.01
CA TYR A 18 10.20 -10.74 0.32
C TYR A 18 9.12 -10.05 -0.49
N GLY A 19 8.25 -9.30 0.19
CA GLY A 19 7.18 -8.56 -0.47
C GLY A 19 6.57 -7.48 0.40
N LEU A 20 5.39 -7.04 0.02
CA LEU A 20 4.77 -5.78 0.50
C LEU A 20 3.43 -6.13 1.15
N MET A 21 3.06 -5.36 2.18
CA MET A 21 1.73 -5.44 2.83
C MET A 21 1.03 -4.09 2.63
N PHE A 22 -0.16 -4.13 2.05
CA PHE A 22 -0.94 -2.93 1.77
C PHE A 22 -2.36 -2.99 2.33
N GLU A 23 -2.73 -1.85 2.91
CA GLU A 23 -4.13 -1.44 3.15
C GLU A 23 -4.15 0.07 3.00
N ASP A 24 -5.33 0.66 2.79
CA ASP A 24 -5.51 2.13 2.82
C ASP A 24 -5.47 2.56 4.29
N ILE A 25 -4.29 2.98 4.74
CA ILE A 25 -3.97 3.50 6.10
C ILE A 25 -3.04 4.70 5.90
N ASN A 26 -3.14 5.74 6.75
CA ASN A 26 -2.32 6.97 6.63
C ASN A 26 -2.49 7.55 5.20
N HIS A 27 -3.67 7.44 4.57
CA HIS A 27 -3.90 7.86 3.16
C HIS A 27 -2.85 7.27 2.22
N SER A 28 -2.65 5.95 2.31
CA SER A 28 -1.70 5.21 1.46
C SER A 28 -2.40 4.91 0.15
N GLY A 29 -3.73 4.88 0.15
CA GLY A 29 -4.51 4.63 -1.08
C GLY A 29 -4.99 5.93 -1.63
N ASP A 30 -6.16 6.37 -1.17
CA ASP A 30 -6.66 7.74 -1.45
C ASP A 30 -5.68 8.74 -0.86
N GLY A 31 -5.10 9.61 -1.70
CA GLY A 31 -4.05 10.53 -1.23
C GLY A 31 -2.62 10.00 -1.29
N GLY A 32 -2.41 8.74 -1.67
CA GLY A 32 -1.06 8.14 -1.74
C GLY A 32 -0.82 7.43 -3.05
N LEU A 33 -0.87 6.10 -3.03
CA LEU A 33 -0.52 5.27 -4.21
C LEU A 33 -1.53 5.56 -5.34
N TYR A 34 -2.79 5.77 -5.02
CA TYR A 34 -3.83 6.11 -6.06
C TYR A 34 -3.66 7.56 -6.52
N ALA A 35 -3.60 7.84 -7.83
CA ALA A 35 -3.04 9.12 -8.32
C ALA A 35 -4.02 10.29 -8.21
N GLU A 36 -5.33 10.07 -8.01
CA GLU A 36 -6.38 11.12 -7.85
C GLU A 36 -5.90 12.24 -6.93
N LEU A 37 -6.02 13.48 -7.39
CA LEU A 37 -5.52 14.63 -6.60
C LEU A 37 -6.59 15.34 -5.77
N LEU A 38 -7.88 15.16 -6.09
CA LEU A 38 -9.00 15.83 -5.36
C LEU A 38 -9.45 14.98 -4.18
N GLN A 39 -9.57 15.60 -3.00
CA GLN A 39 -10.02 14.90 -1.78
C GLN A 39 -11.54 15.05 -1.75
N ASN A 40 -12.27 13.98 -1.41
CA ASN A 40 -13.74 14.01 -1.28
C ASN A 40 -14.33 14.32 -2.66
N ARG A 41 -13.78 13.70 -3.69
CA ARG A 41 -14.04 14.10 -5.11
C ARG A 41 -15.49 13.90 -5.50
N ALA A 42 -16.23 13.03 -4.81
CA ALA A 42 -17.60 12.65 -5.23
C ALA A 42 -18.56 12.65 -4.06
N PHE A 43 -18.21 13.25 -2.93
CA PHE A 43 -19.13 13.38 -1.77
C PHE A 43 -19.60 11.99 -1.32
N GLN A 44 -18.71 11.02 -1.31
CA GLN A 44 -19.11 9.63 -0.97
C GLN A 44 -19.27 9.52 0.54
N GLN A 45 -20.41 8.95 1.01
CA GLN A 45 -20.55 8.43 2.41
C GLN A 45 -20.49 9.62 3.38
N VAL A 46 -21.00 10.78 2.97
CA VAL A 46 -21.11 11.98 3.83
C VAL A 46 -22.58 12.31 4.04
N THR A 47 -22.87 12.99 5.14
CA THR A 47 -24.25 13.46 5.44
C THR A 47 -24.53 14.76 4.69
N PRO A 48 -25.57 14.79 3.82
CA PRO A 48 -25.91 16.02 3.11
C PRO A 48 -26.15 17.24 4.02
N ASN A 49 -25.81 18.43 3.52
CA ASN A 49 -26.16 19.76 4.10
C ASN A 49 -25.40 19.94 5.40
N THR A 50 -24.32 19.18 5.57
CA THR A 50 -23.41 19.34 6.75
C THR A 50 -22.06 19.94 6.31
N ALA A 51 -21.29 20.46 7.26
CA ALA A 51 -19.93 21.00 7.03
C ALA A 51 -19.01 19.85 6.57
N ALA A 52 -19.09 18.69 7.22
CA ALA A 52 -18.20 17.55 6.94
C ALA A 52 -18.42 17.09 5.49
N ALA A 53 -19.63 17.21 4.95
CA ALA A 53 -19.88 16.84 3.52
C ALA A 53 -19.05 17.70 2.55
N LEU A 54 -18.75 18.95 2.93
CA LEU A 54 -17.93 19.90 2.12
C LEU A 54 -16.42 19.79 2.43
N ALA A 55 -15.98 18.78 3.20
CA ALA A 55 -14.54 18.59 3.54
C ALA A 55 -13.70 18.71 2.27
N ALA A 56 -12.73 19.63 2.29
CA ALA A 56 -11.66 19.88 1.30
C ALA A 56 -12.14 20.87 0.25
N TRP A 57 -13.45 21.21 0.20
CA TRP A 57 -14.06 22.19 -0.75
C TRP A 57 -14.32 23.56 -0.11
N HIS A 58 -14.07 24.61 -0.88
CA HIS A 58 -14.14 26.00 -0.38
C HIS A 58 -14.73 26.87 -1.46
N PRO A 59 -15.58 27.87 -1.08
CA PRO A 59 -16.09 28.82 -2.05
C PRO A 59 -14.98 29.75 -2.53
N ILE A 60 -15.12 30.18 -3.77
CA ILE A 60 -14.44 31.41 -4.27
C ILE A 60 -15.45 32.56 -4.26
N SER A 61 -15.07 33.70 -3.64
CA SER A 61 -15.93 34.91 -3.53
C SER A 61 -17.25 34.57 -2.81
N ASN A 62 -18.39 35.04 -3.30
CA ASN A 62 -19.71 34.91 -2.63
C ASN A 62 -20.45 33.65 -3.15
N ALA A 63 -19.74 32.63 -3.65
CA ALA A 63 -20.37 31.34 -4.06
C ALA A 63 -21.11 30.73 -2.88
N LYS A 64 -22.29 30.18 -3.11
CA LYS A 64 -23.01 29.37 -2.08
C LYS A 64 -22.89 27.88 -2.45
N LEU A 65 -22.36 27.10 -1.51
CA LEU A 65 -22.11 25.64 -1.71
C LEU A 65 -22.95 24.85 -0.74
N ALA A 66 -23.51 23.75 -1.23
CA ALA A 66 -24.14 22.73 -0.35
C ALA A 66 -23.99 21.35 -0.98
N VAL A 67 -23.73 20.35 -0.14
CA VAL A 67 -23.82 18.95 -0.63
C VAL A 67 -25.24 18.47 -0.40
N ILE A 68 -25.93 18.09 -1.47
CA ILE A 68 -27.35 17.68 -1.41
C ILE A 68 -27.52 16.20 -1.77
N GLN A 69 -28.57 15.57 -1.24
CA GLN A 69 -29.11 14.30 -1.74
C GLN A 69 -29.86 14.69 -3.02
N ASP A 70 -29.24 14.48 -4.16
CA ASP A 70 -29.73 15.01 -5.45
C ASP A 70 -31.00 14.26 -5.81
N PRO A 71 -32.14 14.96 -5.98
CA PRO A 71 -33.36 14.32 -6.45
C PRO A 71 -33.17 13.52 -7.76
N SER A 72 -32.22 13.93 -8.60
CA SER A 72 -31.83 13.18 -9.83
C SER A 72 -30.30 12.95 -9.84
N PRO A 73 -29.75 11.97 -9.06
CA PRO A 73 -28.30 11.83 -8.88
C PRO A 73 -27.59 11.38 -10.17
N VAL A 74 -26.28 11.58 -10.21
CA VAL A 74 -25.47 11.21 -11.42
C VAL A 74 -25.50 9.69 -11.64
N SER A 75 -25.63 8.91 -10.58
CA SER A 75 -25.67 7.43 -10.59
C SER A 75 -26.32 6.93 -9.30
N ASN A 76 -26.63 5.63 -9.25
CA ASN A 76 -27.19 4.98 -8.05
C ASN A 76 -26.12 5.02 -6.96
N ALA A 77 -24.87 4.85 -7.36
CA ALA A 77 -23.74 4.69 -6.43
C ALA A 77 -23.38 6.04 -5.81
N LEU A 78 -23.71 7.16 -6.47
CA LEU A 78 -23.27 8.52 -6.05
C LEU A 78 -24.49 9.43 -5.88
N PRO A 79 -25.23 9.26 -4.75
CA PRO A 79 -26.49 9.99 -4.54
C PRO A 79 -26.28 11.49 -4.21
N ASN A 80 -25.07 11.89 -3.82
CA ASN A 80 -24.80 13.27 -3.39
C ASN A 80 -24.24 14.10 -4.54
N SER A 81 -24.63 15.38 -4.59
CA SER A 81 -24.12 16.38 -5.55
C SER A 81 -23.64 17.63 -4.80
N LEU A 82 -22.72 18.36 -5.42
CA LEU A 82 -22.38 19.72 -5.00
C LEU A 82 -23.33 20.70 -5.68
N GLN A 83 -24.20 21.35 -4.90
CA GLN A 83 -25.07 22.46 -5.35
C GLN A 83 -24.32 23.78 -5.26
N PHE A 84 -24.03 24.34 -6.43
CA PHE A 84 -23.31 25.63 -6.56
C PHE A 84 -24.32 26.70 -6.99
N SER A 85 -24.41 27.77 -6.21
CA SER A 85 -25.26 28.94 -6.50
C SER A 85 -24.42 30.22 -6.50
N VAL A 86 -24.71 31.06 -7.49
CA VAL A 86 -24.18 32.45 -7.62
C VAL A 86 -25.32 33.40 -7.24
N PRO A 87 -25.18 34.19 -6.15
CA PRO A 87 -26.17 35.22 -5.81
C PRO A 87 -26.43 36.24 -6.93
N SER A 88 -27.65 36.80 -6.92
CA SER A 88 -28.04 38.02 -7.62
C SER A 88 -26.97 39.09 -7.43
N GLY A 89 -26.66 39.83 -8.50
CA GLY A 89 -25.77 41.01 -8.53
C GLY A 89 -24.31 40.67 -8.28
N SER A 90 -23.89 39.43 -8.54
CA SER A 90 -22.47 39.00 -8.42
C SER A 90 -21.65 39.57 -9.60
N SER A 91 -20.33 39.53 -9.45
CA SER A 91 -19.37 39.97 -10.51
C SER A 91 -18.04 39.24 -10.35
N GLY A 92 -17.19 39.33 -11.38
CA GLY A 92 -15.82 38.81 -11.39
C GLY A 92 -15.78 37.28 -11.29
N ARG A 93 -14.86 36.75 -10.52
CA ARG A 93 -14.57 35.31 -10.48
C ARG A 93 -15.37 34.70 -9.33
N VAL A 94 -16.28 33.80 -9.65
CA VAL A 94 -17.08 33.07 -8.63
C VAL A 94 -16.98 31.55 -8.88
N GLY A 95 -16.80 30.76 -7.82
CA GLY A 95 -16.70 29.30 -7.99
C GLY A 95 -16.24 28.65 -6.71
N PHE A 96 -15.42 27.61 -6.81
CA PHE A 96 -14.96 26.84 -5.62
C PHE A 96 -13.63 26.18 -5.91
N THR A 97 -12.96 25.80 -4.84
CA THR A 97 -11.66 25.13 -4.89
C THR A 97 -11.74 23.78 -4.14
N ASN A 98 -10.82 22.90 -4.46
CA ASN A 98 -10.48 21.65 -3.71
C ASN A 98 -9.03 21.75 -3.27
N GLU A 99 -8.76 21.56 -1.99
CA GLU A 99 -7.42 21.78 -1.41
C GLU A 99 -6.52 20.55 -1.62
N GLY A 100 -7.02 19.52 -2.29
CA GLY A 100 -6.44 18.18 -2.42
C GLY A 100 -6.21 17.52 -1.08
N PHE A 101 -5.23 16.61 -1.03
CA PHE A 101 -4.80 15.88 0.18
C PHE A 101 -3.64 16.67 0.74
N TRP A 102 -3.96 17.71 1.50
CA TRP A 102 -2.97 18.64 2.09
C TRP A 102 -2.04 19.22 1.03
N GLY A 103 -2.58 19.55 -0.14
CA GLY A 103 -1.82 20.20 -1.19
C GLY A 103 -2.01 19.48 -2.51
N ILE A 104 -1.51 20.11 -3.55
CA ILE A 104 -1.42 19.52 -4.92
C ILE A 104 -0.07 19.97 -5.48
N LYS A 105 0.76 19.03 -5.92
CA LYS A 105 2.01 19.38 -6.66
C LYS A 105 1.65 19.93 -8.06
N VAL A 106 2.08 21.16 -8.34
CA VAL A 106 1.79 21.77 -9.68
C VAL A 106 3.12 21.88 -10.41
N ASP A 107 3.29 21.05 -11.44
CA ASP A 107 4.58 20.84 -12.15
C ASP A 107 4.33 21.12 -13.62
N SER A 108 5.06 22.07 -14.20
CA SER A 108 4.92 22.50 -15.59
C SER A 108 5.38 21.37 -16.54
N THR A 109 6.05 20.33 -16.05
CA THR A 109 6.48 19.22 -16.97
C THR A 109 5.36 18.18 -17.10
N TRP A 110 4.22 18.39 -16.40
CA TRP A 110 3.07 17.45 -16.31
C TRP A 110 1.86 18.07 -17.01
N THR A 111 1.17 17.23 -17.75
CA THR A 111 -0.21 17.49 -18.24
C THR A 111 -1.18 16.85 -17.26
N TYR A 112 -2.16 17.61 -16.77
CA TYR A 112 -3.18 17.06 -15.86
C TYR A 112 -4.50 16.87 -16.60
N LYS A 113 -5.26 15.85 -16.19
CA LYS A 113 -6.60 15.59 -16.73
C LYS A 113 -7.65 15.89 -15.65
N ALA A 114 -8.44 16.92 -15.93
CA ALA A 114 -9.55 17.39 -15.07
C ALA A 114 -10.85 16.89 -15.67
N SER A 115 -11.74 16.40 -14.82
CA SER A 115 -13.11 16.04 -15.27
C SER A 115 -14.13 16.31 -14.15
N LEU A 116 -15.38 16.41 -14.56
CA LEU A 116 -16.52 16.59 -13.62
C LEU A 116 -17.78 16.25 -14.39
N PHE A 117 -18.85 16.03 -13.65
CA PHE A 117 -20.23 15.96 -14.19
C PHE A 117 -21.03 17.17 -13.68
N PHE A 118 -21.86 17.72 -14.55
CA PHE A 118 -22.67 18.90 -14.19
C PHE A 118 -24.04 18.78 -14.84
N ARG A 119 -25.01 19.41 -14.20
CA ARG A 119 -26.31 19.69 -14.86
CA ARG A 119 -26.31 19.69 -14.86
C ARG A 119 -26.94 20.93 -14.23
N PHE A 120 -27.72 21.65 -15.02
CA PHE A 120 -28.58 22.75 -14.50
C PHE A 120 -29.88 22.10 -14.03
N PRO A 121 -30.17 22.05 -12.71
CA PRO A 121 -31.38 21.36 -12.25
C PRO A 121 -32.69 22.01 -12.73
N THR A 122 -32.63 23.32 -13.05
CA THR A 122 -33.71 24.12 -13.68
C THR A 122 -33.19 24.79 -14.94
N SER A 123 -33.79 24.49 -16.11
CA SER A 123 -33.37 25.06 -17.41
C SER A 123 -33.28 26.59 -17.29
N SER A 124 -32.22 27.20 -17.79
CA SER A 124 -32.02 28.67 -17.76
C SER A 124 -31.40 29.12 -19.07
N SER A 125 -31.34 30.43 -19.29
CA SER A 125 -30.80 31.04 -20.53
C SER A 125 -29.28 31.30 -20.39
N PHE A 126 -28.65 30.90 -19.29
CA PHE A 126 -27.18 31.02 -19.12
C PHE A 126 -26.44 30.56 -20.38
N SER A 127 -25.43 31.31 -20.75
CA SER A 127 -24.48 31.04 -21.85
C SER A 127 -23.15 31.64 -21.40
N GLY A 128 -22.12 30.82 -21.27
CA GLY A 128 -20.82 31.33 -20.79
C GLY A 128 -19.82 30.21 -20.62
N ALA A 129 -18.59 30.56 -20.26
CA ALA A 129 -17.49 29.59 -20.14
C ALA A 129 -17.47 29.05 -18.70
N LEU A 130 -17.28 27.74 -18.57
CA LEU A 130 -16.92 27.07 -17.31
C LEU A 130 -15.40 26.92 -17.35
N THR A 131 -14.67 27.44 -16.38
CA THR A 131 -13.18 27.41 -16.35
C THR A 131 -12.73 26.51 -15.18
N VAL A 132 -11.80 25.61 -15.43
CA VAL A 132 -11.15 24.72 -14.41
C VAL A 132 -9.66 25.03 -14.42
N GLY A 133 -8.95 24.82 -13.29
CA GLY A 133 -7.51 25.02 -13.33
C GLY A 133 -6.88 24.74 -11.98
N LEU A 134 -5.67 25.20 -11.85
CA LEU A 134 -4.87 25.09 -10.60
C LEU A 134 -4.45 26.51 -10.22
N GLN A 135 -4.50 26.83 -8.93
CA GLN A 135 -4.02 28.12 -8.46
C GLN A 135 -3.21 27.86 -7.21
N THR A 136 -2.30 28.76 -6.89
CA THR A 136 -1.67 28.80 -5.54
C THR A 136 -2.77 29.18 -4.55
N ASN A 137 -2.57 28.91 -3.25
CA ASN A 137 -3.62 29.18 -2.24
C ASN A 137 -3.65 30.70 -1.96
N ALA A 138 -2.79 31.52 -2.58
CA ALA A 138 -3.01 32.99 -2.70
C ALA A 138 -3.98 33.36 -3.85
N GLY A 139 -4.29 32.45 -4.76
CA GLY A 139 -5.27 32.73 -5.83
C GLY A 139 -4.61 33.05 -7.16
N ARG A 140 -3.27 33.09 -7.20
CA ARG A 140 -2.40 33.14 -8.44
C ARG A 140 -2.68 31.94 -9.33
N VAL A 141 -3.26 32.16 -10.52
CA VAL A 141 -3.63 31.06 -11.45
C VAL A 141 -2.37 30.50 -12.14
N LEU A 142 -2.14 29.20 -12.07
CA LEU A 142 -0.93 28.54 -12.65
C LEU A 142 -1.33 27.74 -13.89
N ALA A 143 -2.58 27.30 -13.98
CA ALA A 143 -3.10 26.53 -15.13
C ALA A 143 -4.58 26.75 -15.24
N GLN A 144 -5.10 26.78 -16.46
CA GLN A 144 -6.54 27.01 -16.64
C GLN A 144 -6.89 26.52 -18.03
N ASN A 145 -8.14 26.16 -18.17
CA ASN A 145 -8.72 25.69 -19.45
C ASN A 145 -10.22 25.90 -19.27
N SER A 146 -10.96 26.05 -20.35
CA SER A 146 -12.39 26.35 -20.21
C SER A 146 -13.16 25.75 -21.37
N THR A 147 -14.47 25.66 -21.21
CA THR A 147 -15.38 25.18 -22.27
C THR A 147 -16.73 25.88 -22.07
N GLN A 148 -17.50 26.00 -23.15
CA GLN A 148 -18.82 26.70 -23.17
C GLN A 148 -19.88 25.76 -22.59
N ILE A 149 -20.72 26.26 -21.69
CA ILE A 149 -21.89 25.50 -21.19
C ILE A 149 -23.12 26.40 -21.35
N ARG A 150 -24.28 25.76 -21.33
CA ARG A 150 -25.59 26.37 -21.54
C ARG A 150 -26.49 25.95 -20.39
N GLY A 151 -27.28 26.89 -19.86
CA GLY A 151 -28.31 26.57 -18.86
C GLY A 151 -29.39 25.63 -19.36
N THR A 152 -29.49 25.41 -20.67
CA THR A 152 -30.46 24.45 -21.25
C THR A 152 -29.99 23.01 -21.00
N THR A 153 -28.75 22.78 -20.55
CA THR A 153 -28.24 21.41 -20.27
C THR A 153 -28.75 20.95 -18.89
N THR A 154 -29.88 20.24 -18.88
CA THR A 154 -30.57 19.75 -17.66
C THR A 154 -30.23 18.28 -17.43
N LYS A 155 -29.52 17.64 -18.35
CA LYS A 155 -29.10 16.22 -18.20
C LYS A 155 -27.62 16.21 -17.79
N TRP A 156 -27.27 15.27 -16.92
CA TRP A 156 -25.88 15.02 -16.48
C TRP A 156 -24.94 14.96 -17.69
N THR A 157 -23.95 15.82 -17.70
CA THR A 157 -22.94 15.93 -18.79
C THR A 157 -21.54 15.97 -18.17
N GLN A 158 -20.60 15.21 -18.77
CA GLN A 158 -19.19 15.21 -18.32
C GLN A 158 -18.43 16.29 -19.08
N ILE A 159 -17.60 17.03 -18.36
CA ILE A 159 -16.55 17.89 -18.95
C ILE A 159 -15.18 17.22 -18.73
N ASN A 160 -14.34 17.19 -19.75
CA ASN A 160 -12.96 16.66 -19.72
C ASN A 160 -12.07 17.75 -20.31
N LEU A 161 -11.16 18.30 -19.50
CA LEU A 161 -10.20 19.33 -19.96
C LEU A 161 -8.80 19.00 -19.43
N GLU A 162 -7.79 19.15 -20.27
CA GLU A 162 -6.36 19.07 -19.87
C GLU A 162 -5.91 20.41 -19.32
N LEU A 163 -4.95 20.33 -18.41
CA LEU A 163 -4.36 21.52 -17.76
C LEU A 163 -2.85 21.50 -17.96
N HIS A 164 -2.34 22.64 -18.41
CA HIS A 164 -0.90 22.85 -18.64
C HIS A 164 -0.42 23.99 -17.77
N PRO A 165 0.25 23.78 -16.64
CA PRO A 165 0.72 24.93 -15.89
C PRO A 165 1.73 25.83 -16.64
N THR A 166 1.69 27.13 -16.40
CA THR A 166 2.66 28.09 -16.99
C THR A 166 3.95 28.12 -16.18
N ALA A 167 3.90 27.67 -14.96
CA ALA A 167 5.05 27.60 -14.05
C ALA A 167 4.78 26.53 -13.01
N SER A 168 5.83 25.80 -12.62
CA SER A 168 5.87 24.96 -11.41
C SER A 168 5.71 25.85 -10.19
N ALA A 169 4.91 25.40 -9.25
CA ALA A 169 4.69 26.10 -7.98
C ALA A 169 5.93 25.90 -7.13
N PRO A 170 6.21 26.86 -6.23
CA PRO A 170 7.35 26.75 -5.33
C PRO A 170 7.13 25.81 -4.14
N ASP A 171 5.87 25.48 -3.83
CA ASP A 171 5.50 24.46 -2.82
C ASP A 171 4.19 23.77 -3.25
N VAL A 172 3.64 22.93 -2.37
CA VAL A 172 2.41 22.13 -2.67
C VAL A 172 1.13 22.83 -2.19
N SER A 173 1.19 24.08 -1.70
CA SER A 173 0.01 24.82 -1.17
CA SER A 173 0.03 24.84 -1.18
C SER A 173 -0.79 25.41 -2.34
N ASN A 174 -1.39 24.54 -3.14
CA ASN A 174 -2.14 24.87 -4.38
C ASN A 174 -3.48 24.15 -4.33
N SER A 175 -4.47 24.62 -5.06
CA SER A 175 -5.81 24.03 -5.14
C SER A 175 -6.24 23.93 -6.60
N PHE A 176 -7.14 23.02 -6.83
CA PHE A 176 -7.96 22.92 -8.07
C PHE A 176 -9.12 23.91 -7.93
N PHE A 177 -9.55 24.54 -9.03
CA PHE A 177 -10.67 25.49 -9.02
C PHE A 177 -11.60 25.23 -10.19
N VAL A 178 -12.84 25.63 -9.99
CA VAL A 178 -13.91 25.72 -11.02
C VAL A 178 -14.52 27.10 -10.86
N THR A 179 -14.68 27.86 -11.94
CA THR A 179 -15.20 29.26 -11.84
C THR A 179 -16.09 29.55 -13.03
N ILE A 180 -17.06 30.43 -12.81
CA ILE A 180 -17.79 31.08 -13.92
C ILE A 180 -17.75 32.58 -13.68
N ASP A 181 -18.15 33.32 -14.71
CA ASP A 181 -18.21 34.80 -14.65
C ASP A 181 -19.35 35.15 -13.70
N GLY A 182 -19.09 35.91 -12.63
CA GLY A 182 -20.10 36.20 -11.60
C GLY A 182 -21.32 36.98 -12.13
N ALA A 183 -21.10 37.91 -13.06
CA ALA A 183 -22.18 38.72 -13.68
C ALA A 183 -22.98 37.86 -14.66
N ALA A 184 -22.34 37.14 -15.57
CA ALA A 184 -23.07 36.23 -16.48
C ALA A 184 -23.79 35.13 -15.66
N GLY A 185 -23.25 34.77 -14.48
CA GLY A 185 -23.72 33.60 -13.72
C GLY A 185 -24.68 33.99 -12.62
N ALA A 186 -24.95 35.28 -12.47
CA ALA A 186 -25.74 35.82 -11.35
C ALA A 186 -27.09 35.08 -11.32
N GLY A 187 -27.47 34.56 -10.16
CA GLY A 187 -28.77 33.87 -9.97
C GLY A 187 -28.79 32.43 -10.47
N GLN A 188 -27.69 31.87 -10.97
CA GLN A 188 -27.69 30.49 -11.51
C GLN A 188 -27.41 29.48 -10.39
N THR A 189 -27.95 28.27 -10.54
CA THR A 189 -27.61 27.08 -9.71
C THR A 189 -27.13 25.99 -10.66
N ILE A 190 -26.00 25.37 -10.33
CA ILE A 190 -25.50 24.19 -11.09
C ILE A 190 -25.26 23.09 -10.06
N ASN A 191 -25.65 21.88 -10.40
CA ASN A 191 -25.35 20.66 -9.59
C ASN A 191 -24.11 19.99 -10.22
N PHE A 192 -23.12 19.65 -9.38
CA PHE A 192 -21.89 18.95 -9.80
C PHE A 192 -21.81 17.58 -9.09
N ALA A 193 -21.16 16.60 -9.71
CA ALA A 193 -20.90 15.27 -9.16
C ALA A 193 -19.63 14.68 -9.78
N MET A 194 -18.96 13.78 -9.05
CA MET A 194 -17.88 12.91 -9.57
C MET A 194 -16.80 13.78 -10.21
N PHE A 195 -16.09 14.58 -9.39
CA PHE A 195 -14.94 15.37 -9.85
C PHE A 195 -13.72 14.43 -9.90
N SER A 196 -12.73 14.83 -10.68
CA SER A 196 -11.46 14.08 -10.81
C SER A 196 -10.39 15.00 -11.38
N LEU A 197 -9.21 14.92 -10.78
CA LEU A 197 -7.98 15.48 -11.34
C LEU A 197 -6.86 14.45 -11.22
N PHE A 198 -6.30 14.07 -12.38
CA PHE A 198 -5.16 13.13 -12.46
C PHE A 198 -3.91 13.80 -12.99
N PRO A 199 -2.73 13.53 -12.40
CA PRO A 199 -1.45 13.82 -13.04
C PRO A 199 -1.16 12.69 -14.00
N PRO A 200 -0.01 12.72 -14.70
CA PRO A 200 0.43 11.55 -15.45
C PRO A 200 0.62 10.36 -14.49
N THR A 201 0.23 9.16 -14.91
CA THR A 201 0.25 7.99 -13.98
C THR A 201 1.37 6.99 -14.32
N PHE A 202 1.69 6.15 -13.34
CA PHE A 202 2.59 4.98 -13.47
C PHE A 202 2.10 4.17 -14.67
N LYS A 203 2.98 3.99 -15.67
CA LYS A 203 2.72 3.21 -16.91
C LYS A 203 1.57 3.79 -17.71
N ASN A 204 1.29 5.08 -17.54
CA ASN A 204 0.16 5.77 -18.22
CA ASN A 204 0.18 5.73 -18.28
C ASN A 204 -1.12 4.93 -18.09
N ARG A 205 -1.33 4.29 -16.94
CA ARG A 205 -2.60 3.54 -16.70
C ARG A 205 -3.72 4.55 -16.51
N PRO A 206 -4.84 4.41 -17.26
CA PRO A 206 -6.07 5.09 -16.89
C PRO A 206 -6.45 4.53 -15.50
N ASN A 207 -6.81 5.49 -14.67
CA ASN A 207 -7.25 5.29 -13.26
C ASN A 207 -6.09 4.71 -12.45
N GLY A 208 -4.88 5.19 -12.70
CA GLY A 208 -3.66 4.54 -12.22
C GLY A 208 -3.06 5.21 -11.00
N LEU A 209 -1.76 4.99 -10.84
CA LEU A 209 -1.08 5.19 -9.55
C LEU A 209 -0.07 6.34 -9.68
N ARG A 210 0.27 6.91 -8.52
CA ARG A 210 1.17 8.07 -8.43
C ARG A 210 2.57 7.54 -8.72
N ALA A 211 3.27 8.17 -9.66
CA ALA A 211 4.53 7.65 -10.25
C ALA A 211 5.65 7.50 -9.20
N ASP A 212 6.03 8.54 -8.47
CA ASP A 212 7.17 8.45 -7.52
C ASP A 212 6.91 7.31 -6.53
N ILE A 213 5.70 7.20 -5.99
CA ILE A 213 5.38 6.12 -5.01
C ILE A 213 5.42 4.75 -5.68
N ALA A 214 4.72 4.54 -6.80
CA ALA A 214 4.76 3.25 -7.50
C ALA A 214 6.21 2.83 -7.82
N GLU A 215 7.01 3.74 -8.35
CA GLU A 215 8.42 3.46 -8.71
C GLU A 215 9.20 3.06 -7.46
N THR A 216 8.93 3.70 -6.34
CA THR A 216 9.64 3.40 -5.06
C THR A 216 9.30 1.95 -4.64
N LEU A 217 8.02 1.57 -4.71
CA LEU A 217 7.58 0.18 -4.40
C LEU A 217 8.28 -0.81 -5.35
N ALA A 218 8.31 -0.55 -6.65
CA ALA A 218 8.95 -1.43 -7.65
C ALA A 218 10.47 -1.54 -7.38
N GLU A 219 11.10 -0.45 -6.95
CA GLU A 219 12.56 -0.33 -6.63
C GLU A 219 12.98 -1.36 -5.57
N MET A 220 12.08 -1.73 -4.66
CA MET A 220 12.36 -2.68 -3.55
C MET A 220 12.43 -4.12 -4.06
N GLY A 221 12.07 -4.37 -5.30
CA GLY A 221 12.06 -5.70 -5.94
C GLY A 221 11.16 -6.69 -5.19
N PRO A 222 9.90 -6.31 -4.85
CA PRO A 222 9.03 -7.21 -4.11
C PRO A 222 8.51 -8.34 -5.00
N SER A 223 8.16 -9.47 -4.39
CA SER A 223 7.66 -10.67 -5.11
C SER A 223 6.15 -10.82 -4.91
N PHE A 224 5.60 -10.20 -3.88
CA PHE A 224 4.16 -10.32 -3.55
C PHE A 224 3.65 -8.99 -3.01
N PHE A 225 2.32 -8.88 -3.09
CA PHE A 225 1.55 -7.77 -2.50
C PHE A 225 0.32 -8.31 -1.76
N ARG A 226 0.36 -8.23 -0.43
CA ARG A 226 -0.77 -8.63 0.46
C ARG A 226 -1.79 -7.48 0.54
N PHE A 227 -3.06 -7.73 0.23
CA PHE A 227 -4.12 -6.71 0.14
C PHE A 227 -5.49 -7.39 0.22
N PRO A 228 -6.60 -6.64 0.45
CA PRO A 228 -6.58 -5.22 0.78
C PRO A 228 -6.53 -4.83 2.27
N GLY A 229 -6.13 -5.76 3.12
CA GLY A 229 -5.82 -5.47 4.55
C GLY A 229 -5.63 -6.78 5.27
N GLY A 230 -5.19 -6.74 6.54
CA GLY A 230 -5.22 -5.52 7.31
C GLY A 230 -6.61 -5.14 7.81
N ASN A 231 -6.66 -4.24 8.79
CA ASN A 231 -7.93 -3.79 9.42
C ASN A 231 -8.86 -3.20 8.34
N ASN A 232 -8.32 -2.64 7.25
CA ASN A 232 -9.18 -1.93 6.26
C ASN A 232 -10.01 -2.96 5.47
N LEU A 233 -9.71 -4.25 5.60
CA LEU A 233 -10.56 -5.34 5.02
C LEU A 233 -11.88 -5.47 5.80
N GLU A 234 -11.81 -5.34 7.12
CA GLU A 234 -12.83 -5.90 8.04
C GLU A 234 -14.06 -5.00 8.15
N GLY A 235 -13.93 -3.68 8.09
CA GLY A 235 -15.05 -2.78 8.41
C GLY A 235 -15.25 -2.68 9.89
N GLN A 236 -16.09 -1.74 10.30
CA GLN A 236 -16.46 -1.58 11.74
C GLN A 236 -17.69 -2.46 12.02
N THR A 237 -18.43 -2.79 10.95
CA THR A 237 -19.69 -3.53 10.96
C THR A 237 -19.77 -4.34 9.66
N THR A 238 -20.58 -5.35 9.67
CA THR A 238 -20.78 -6.19 8.46
C THR A 238 -21.00 -5.25 7.26
N ALA A 239 -21.86 -4.26 7.44
CA ALA A 239 -22.33 -3.37 6.36
C ALA A 239 -21.19 -2.48 5.80
N THR A 240 -20.14 -2.20 6.58
CA THR A 240 -19.02 -1.33 6.16
C THR A 240 -17.77 -2.14 5.77
N ARG A 241 -17.82 -3.46 5.70
CA ARG A 241 -16.65 -4.28 5.29
C ARG A 241 -16.20 -3.88 3.88
N TRP A 242 -14.97 -4.21 3.51
CA TRP A 242 -14.53 -4.10 2.09
C TRP A 242 -15.33 -5.10 1.27
N GLN A 243 -15.78 -4.68 0.07
CA GLN A 243 -16.57 -5.56 -0.83
C GLN A 243 -16.01 -5.41 -2.23
N TRP A 244 -15.60 -6.51 -2.86
CA TRP A 244 -14.78 -6.46 -4.08
C TRP A 244 -15.61 -5.81 -5.20
N ASN A 245 -16.88 -6.15 -5.25
CA ASN A 245 -17.69 -5.80 -6.46
C ASN A 245 -18.03 -4.30 -6.49
N ALA A 246 -17.91 -3.61 -5.35
CA ALA A 246 -18.18 -2.17 -5.22
C ALA A 246 -16.96 -1.38 -5.68
N THR A 247 -15.84 -2.08 -5.92
CA THR A 247 -14.52 -1.52 -6.30
C THR A 247 -14.21 -1.72 -7.77
N VAL A 248 -15.16 -2.24 -8.55
CA VAL A 248 -14.83 -2.50 -9.97
C VAL A 248 -15.85 -1.79 -10.85
N GLY A 249 -15.45 -1.54 -12.07
CA GLY A 249 -16.29 -0.84 -13.04
C GLY A 249 -16.02 0.65 -13.04
N SER A 250 -16.88 1.35 -13.77
CA SER A 250 -16.91 2.82 -13.90
C SER A 250 -16.80 3.46 -12.52
N LEU A 251 -16.05 4.56 -12.39
CA LEU A 251 -16.04 5.34 -11.12
C LEU A 251 -17.47 5.81 -10.75
N LEU A 252 -18.36 6.00 -11.74
CA LEU A 252 -19.76 6.40 -11.46
C LEU A 252 -20.46 5.34 -10.60
N ASP A 253 -20.04 4.07 -10.70
CA ASP A 253 -20.74 2.94 -10.07
C ASP A 253 -20.02 2.44 -8.82
N ARG A 254 -19.09 3.20 -8.26
CA ARG A 254 -18.34 2.80 -7.01
C ARG A 254 -18.80 3.69 -5.87
N PRO A 255 -19.57 3.14 -4.93
CA PRO A 255 -20.19 3.97 -3.87
C PRO A 255 -19.24 4.42 -2.78
N GLY A 256 -18.08 3.81 -2.71
CA GLY A 256 -17.12 4.07 -1.63
C GLY A 256 -17.56 3.54 -0.31
N ARG A 257 -16.73 3.70 0.73
CA ARG A 257 -17.09 3.11 2.03
C ARG A 257 -16.29 3.84 3.09
N VAL A 258 -16.84 3.88 4.29
CA VAL A 258 -16.06 4.30 5.49
C VAL A 258 -15.03 3.22 5.80
N GLY A 259 -13.76 3.56 5.67
CA GLY A 259 -12.65 2.66 5.97
C GLY A 259 -12.43 2.59 7.49
N ASP A 260 -11.37 1.95 7.90
CA ASP A 260 -11.14 1.57 9.33
C ASP A 260 -10.08 2.48 9.95
N TRP A 261 -9.78 3.61 9.30
CA TRP A 261 -8.70 4.50 9.81
C TRP A 261 -9.13 5.97 9.82
N GLY A 262 -10.44 6.21 9.94
CA GLY A 262 -11.01 7.53 10.24
C GLY A 262 -11.48 8.26 9.00
N TYR A 263 -11.37 7.68 7.79
CA TYR A 263 -11.72 8.43 6.55
C TYR A 263 -12.45 7.54 5.56
N VAL A 264 -13.20 8.21 4.71
CA VAL A 264 -13.91 7.59 3.56
C VAL A 264 -12.89 7.10 2.53
N ASN A 265 -13.10 5.89 1.99
CA ASN A 265 -12.32 5.38 0.84
C ASN A 265 -13.22 5.58 -0.38
N THR A 266 -12.68 6.13 -1.45
CA THR A 266 -13.41 6.26 -2.75
C THR A 266 -13.61 4.89 -3.40
N ASP A 267 -12.72 3.94 -3.12
CA ASP A 267 -12.60 2.62 -3.83
C ASP A 267 -12.24 2.88 -5.30
N GLY A 268 -11.71 4.07 -5.63
CA GLY A 268 -11.04 4.32 -6.91
C GLY A 268 -9.84 3.41 -7.11
N LEU A 269 -9.13 3.09 -6.02
CA LEU A 269 -8.11 2.03 -5.99
C LEU A 269 -8.85 0.72 -5.73
N GLY A 270 -9.33 0.07 -6.80
CA GLY A 270 -10.15 -1.14 -6.69
C GLY A 270 -9.43 -2.38 -7.21
N LEU A 271 -10.14 -3.51 -7.18
CA LEU A 271 -9.53 -4.84 -7.35
C LEU A 271 -8.77 -4.86 -8.69
N LEU A 272 -9.33 -4.32 -9.78
CA LEU A 272 -8.63 -4.38 -11.09
C LEU A 272 -7.37 -3.49 -11.10
N GLU A 273 -7.40 -2.30 -10.50
CA GLU A 273 -6.20 -1.46 -10.44
C GLU A 273 -5.13 -2.15 -9.57
N TYR A 274 -5.49 -2.82 -8.50
CA TYR A 274 -4.51 -3.65 -7.72
C TYR A 274 -3.85 -4.67 -8.67
N LEU A 275 -4.66 -5.44 -9.39
CA LEU A 275 -4.17 -6.61 -10.17
C LEU A 275 -3.32 -6.06 -11.31
N GLN A 276 -3.72 -4.94 -11.91
CA GLN A 276 -2.93 -4.32 -13.01
C GLN A 276 -1.57 -3.90 -12.47
N PHE A 277 -1.51 -3.34 -11.27
CA PHE A 277 -0.22 -2.96 -10.65
C PHE A 277 0.70 -4.17 -10.49
N PHE A 278 0.13 -5.30 -10.08
CA PHE A 278 0.91 -6.57 -9.84
C PHE A 278 1.51 -7.04 -11.16
N GLU A 279 0.71 -6.99 -12.22
CA GLU A 279 1.17 -7.37 -13.58
C GLU A 279 2.29 -6.42 -14.03
N ASP A 280 2.19 -5.15 -13.67
CA ASP A 280 3.08 -4.07 -14.14
C ASP A 280 4.43 -4.20 -13.42
N THR A 281 4.49 -4.84 -12.26
CA THR A 281 5.69 -4.88 -11.38
C THR A 281 6.21 -6.31 -11.20
N GLY A 282 5.51 -7.31 -11.74
CA GLY A 282 5.85 -8.73 -11.61
C GLY A 282 5.61 -9.29 -10.21
N MET A 283 4.74 -8.68 -9.41
CA MET A 283 4.37 -9.20 -8.06
C MET A 283 3.21 -10.17 -8.22
N GLU A 284 3.07 -11.11 -7.29
CA GLU A 284 1.82 -11.90 -7.22
C GLU A 284 1.09 -11.49 -5.96
N PRO A 285 -0.25 -11.60 -6.02
CA PRO A 285 -1.10 -11.29 -4.87
C PRO A 285 -1.15 -12.35 -3.76
N ILE A 286 -1.15 -11.86 -2.52
CA ILE A 286 -1.67 -12.61 -1.36
C ILE A 286 -2.94 -11.86 -0.98
N MET A 287 -4.07 -12.35 -1.50
CA MET A 287 -5.36 -11.63 -1.45
C MET A 287 -6.16 -12.14 -0.24
N ALA A 288 -6.62 -11.21 0.60
CA ALA A 288 -7.54 -11.49 1.72
C ALA A 288 -8.99 -11.49 1.23
N VAL A 289 -9.78 -12.34 1.86
CA VAL A 289 -11.26 -12.32 1.82
C VAL A 289 -11.79 -12.08 3.23
N TRP A 290 -12.82 -11.27 3.30
CA TRP A 290 -13.61 -11.02 4.52
C TRP A 290 -14.19 -12.36 5.02
N ALA A 291 -14.14 -12.60 6.33
CA ALA A 291 -14.42 -13.93 6.88
C ALA A 291 -15.44 -13.88 8.03
N GLY A 292 -16.32 -12.88 8.06
CA GLY A 292 -17.50 -12.82 8.93
C GLY A 292 -17.18 -12.23 10.30
N TYR A 293 -16.09 -11.48 10.42
CA TYR A 293 -15.83 -10.61 11.61
C TYR A 293 -15.58 -9.17 11.15
N SER A 294 -16.05 -8.21 11.96
CA SER A 294 -15.81 -6.76 11.76
C SER A 294 -15.35 -6.16 13.08
N LEU A 295 -14.72 -4.97 13.03
CA LEU A 295 -13.86 -4.50 14.15
C LEU A 295 -14.69 -4.01 15.33
N GLY A 296 -15.95 -3.74 15.13
CA GLY A 296 -16.92 -3.46 16.22
C GLY A 296 -17.11 -4.67 17.14
N GLY A 297 -16.64 -5.86 16.78
CA GLY A 297 -16.67 -7.06 17.65
C GLY A 297 -17.74 -8.07 17.26
N THR A 298 -18.56 -7.81 16.24
CA THR A 298 -19.66 -8.69 15.78
C THR A 298 -19.06 -9.81 14.91
N SER A 299 -19.27 -11.08 15.29
CA SER A 299 -19.07 -12.27 14.41
C SER A 299 -20.41 -12.64 13.76
N LEU A 300 -20.40 -12.98 12.47
CA LEU A 300 -21.59 -13.65 11.88
C LEU A 300 -21.76 -15.02 12.58
N ALA A 301 -23.00 -15.43 12.84
CA ALA A 301 -23.31 -16.79 13.32
C ALA A 301 -22.97 -17.80 12.23
N GLU A 302 -22.75 -19.06 12.60
CA GLU A 302 -22.41 -20.13 11.65
C GLU A 302 -23.50 -20.22 10.58
N ASN A 303 -24.76 -20.03 10.96
CA ASN A 303 -25.90 -20.17 10.02
C ASN A 303 -26.13 -18.90 9.20
N GLN A 304 -25.26 -17.87 9.27
CA GLN A 304 -25.33 -16.63 8.47
C GLN A 304 -24.27 -16.60 7.34
N LEU A 305 -23.31 -17.54 7.25
CA LEU A 305 -22.04 -17.36 6.47
C LEU A 305 -22.30 -17.52 4.95
N ALA A 306 -23.30 -18.30 4.53
CA ALA A 306 -23.41 -18.72 3.09
C ALA A 306 -23.27 -17.55 2.13
N PRO A 307 -24.03 -16.43 2.21
CA PRO A 307 -23.91 -15.36 1.22
C PRO A 307 -22.53 -14.70 1.13
N TYR A 308 -21.79 -14.67 2.24
CA TYR A 308 -20.44 -14.07 2.39
C TYR A 308 -19.37 -15.01 1.84
N ILE A 309 -19.56 -16.31 2.03
CA ILE A 309 -18.72 -17.35 1.40
C ILE A 309 -18.89 -17.22 -0.13
N GLN A 310 -20.12 -17.07 -0.59
CA GLN A 310 -20.32 -16.97 -2.07
C GLN A 310 -19.66 -15.67 -2.57
N GLN A 311 -19.70 -14.60 -1.79
CA GLN A 311 -19.11 -13.32 -2.26
C GLN A 311 -17.58 -13.49 -2.37
N ALA A 312 -16.97 -14.24 -1.45
CA ALA A 312 -15.53 -14.62 -1.52
C ALA A 312 -15.23 -15.45 -2.77
N ILE A 313 -16.09 -16.40 -3.11
CA ILE A 313 -15.92 -17.20 -4.37
C ILE A 313 -15.97 -16.22 -5.56
N ASP A 314 -16.96 -15.31 -5.57
CA ASP A 314 -17.13 -14.24 -6.59
C ASP A 314 -15.81 -13.44 -6.73
N GLN A 315 -15.23 -13.00 -5.61
CA GLN A 315 -14.00 -12.19 -5.60
C GLN A 315 -12.89 -13.00 -6.28
N ILE A 316 -12.73 -14.28 -5.90
CA ILE A 316 -11.61 -15.10 -6.44
C ILE A 316 -11.90 -15.33 -7.93
N ASN A 317 -13.15 -15.57 -8.30
CA ASN A 317 -13.52 -15.79 -9.74
C ASN A 317 -13.19 -14.56 -10.58
N PHE A 318 -13.39 -13.35 -10.05
CA PHE A 318 -13.02 -12.12 -10.81
C PHE A 318 -11.54 -12.22 -11.18
N VAL A 319 -10.72 -12.71 -10.24
CA VAL A 319 -9.25 -12.75 -10.43
C VAL A 319 -8.86 -13.84 -11.44
N ILE A 320 -9.32 -15.10 -11.27
CA ILE A 320 -8.70 -16.27 -11.97
C ILE A 320 -9.72 -17.05 -12.80
N GLY A 321 -11.00 -16.73 -12.70
CA GLY A 321 -12.10 -17.56 -13.22
C GLY A 321 -12.11 -17.55 -14.73
N ASP A 322 -12.57 -18.64 -15.34
CA ASP A 322 -12.82 -18.68 -16.81
C ASP A 322 -14.00 -17.77 -17.14
N PRO A 323 -13.90 -16.77 -18.05
CA PRO A 323 -15.00 -15.83 -18.29
C PRO A 323 -16.31 -16.43 -18.81
N ALA A 324 -16.26 -17.66 -19.33
CA ALA A 324 -17.43 -18.43 -19.81
C ALA A 324 -18.20 -19.08 -18.66
N LYS A 325 -17.62 -19.16 -17.45
CA LYS A 325 -18.14 -20.04 -16.35
C LYS A 325 -18.62 -19.21 -15.15
N SER A 326 -18.43 -17.89 -15.09
CA SER A 326 -19.02 -17.06 -14.01
C SER A 326 -19.18 -15.60 -14.46
N ALA A 327 -20.14 -14.90 -13.85
CA ALA A 327 -20.40 -13.46 -14.06
C ALA A 327 -19.19 -12.65 -13.62
N PRO A 328 -18.58 -12.84 -12.41
CA PRO A 328 -17.37 -12.08 -12.04
C PRO A 328 -16.20 -12.23 -13.03
N ALA A 329 -15.97 -13.42 -13.56
CA ALA A 329 -14.89 -13.65 -14.54
C ALA A 329 -15.26 -13.01 -15.88
N ALA A 330 -16.51 -13.11 -16.32
CA ALA A 330 -16.97 -12.39 -17.54
C ALA A 330 -16.75 -10.87 -17.35
N LEU A 331 -16.87 -10.36 -16.12
CA LEU A 331 -16.71 -8.90 -15.82
C LEU A 331 -15.24 -8.51 -16.00
N ARG A 332 -14.32 -9.29 -15.47
CA ARG A 332 -12.87 -9.09 -15.71
C ARG A 332 -12.64 -8.98 -17.22
N ALA A 333 -13.26 -9.87 -18.00
CA ALA A 333 -13.10 -9.89 -19.49
C ALA A 333 -13.67 -8.60 -20.09
N SER A 334 -14.88 -8.21 -19.71
CA SER A 334 -15.58 -7.02 -20.25
C SER A 334 -14.79 -5.74 -19.91
N LEU A 335 -13.98 -5.72 -18.84
CA LEU A 335 -13.18 -4.55 -18.40
C LEU A 335 -11.78 -4.61 -19.03
N GLY A 336 -11.59 -5.53 -19.99
CA GLY A 336 -10.45 -5.54 -20.93
C GLY A 336 -9.33 -6.49 -20.53
N HIS A 337 -9.55 -7.43 -19.61
CA HIS A 337 -8.51 -8.41 -19.22
C HIS A 337 -9.07 -9.83 -19.18
N PRO A 338 -9.47 -10.42 -20.33
CA PRO A 338 -9.96 -11.81 -20.35
C PRO A 338 -9.04 -12.90 -19.82
N GLU A 339 -7.72 -12.75 -19.95
CA GLU A 339 -6.70 -13.65 -19.36
C GLU A 339 -6.84 -13.58 -17.84
N PRO A 340 -6.76 -14.72 -17.14
CA PRO A 340 -6.76 -14.72 -15.70
C PRO A 340 -5.45 -14.15 -15.16
N PHE A 341 -5.50 -13.53 -13.98
CA PHE A 341 -4.33 -13.12 -13.20
C PHE A 341 -3.83 -14.34 -12.43
N THR A 342 -2.62 -14.27 -11.93
CA THR A 342 -1.99 -15.21 -10.99
C THR A 342 -2.67 -15.01 -9.64
N LEU A 343 -3.05 -16.12 -8.99
CA LEU A 343 -3.43 -16.11 -7.56
C LEU A 343 -3.21 -17.49 -6.96
N ARG A 344 -2.24 -17.59 -6.04
CA ARG A 344 -1.79 -18.85 -5.44
C ARG A 344 -2.09 -18.83 -3.94
N PHE A 345 -2.38 -17.67 -3.34
CA PHE A 345 -2.53 -17.54 -1.87
C PHE A 345 -3.72 -16.65 -1.54
N VAL A 346 -4.58 -17.12 -0.63
CA VAL A 346 -5.74 -16.37 -0.10
C VAL A 346 -5.72 -16.43 1.42
N GLU A 347 -5.83 -15.24 2.04
CA GLU A 347 -5.87 -15.10 3.51
C GLU A 347 -7.35 -15.01 3.92
N VAL A 348 -7.72 -15.78 4.94
CA VAL A 348 -9.13 -15.88 5.42
C VAL A 348 -9.26 -14.96 6.62
N GLY A 349 -9.69 -13.74 6.31
CA GLY A 349 -9.94 -12.63 7.25
C GLY A 349 -8.66 -11.87 7.52
N ASN A 350 -8.64 -11.16 8.64
CA ASN A 350 -7.44 -10.46 9.14
C ASN A 350 -7.44 -10.56 10.66
N GLU A 351 -6.35 -10.99 11.24
CA GLU A 351 -6.14 -11.00 12.72
C GLU A 351 -7.39 -11.54 13.42
N ASP A 352 -7.80 -12.75 13.07
CA ASP A 352 -9.00 -13.39 13.66
C ASP A 352 -8.66 -13.93 15.05
N PHE A 353 -7.43 -13.77 15.54
CA PHE A 353 -7.15 -13.92 16.99
C PHE A 353 -7.98 -12.94 17.81
N PHE A 354 -8.53 -11.86 17.25
CA PHE A 354 -9.48 -10.98 17.98
C PHE A 354 -10.85 -11.65 18.13
N ALA A 355 -11.14 -12.72 17.38
CA ALA A 355 -12.43 -13.41 17.41
C ALA A 355 -12.19 -14.92 17.37
N ALA A 356 -11.39 -15.44 18.31
CA ALA A 356 -10.92 -16.84 18.28
C ALA A 356 -12.04 -17.81 18.65
N GLY A 357 -13.14 -17.31 19.23
CA GLY A 357 -14.33 -18.07 19.63
C GLY A 357 -15.12 -18.47 18.37
N SER A 358 -15.17 -17.61 17.36
CA SER A 358 -15.96 -17.86 16.13
C SER A 358 -15.07 -18.36 14.98
N TYR A 359 -13.77 -18.05 14.98
CA TYR A 359 -12.94 -18.36 13.78
C TYR A 359 -12.95 -19.86 13.46
N PRO A 360 -12.94 -20.80 14.44
CA PRO A 360 -13.01 -22.22 14.12
C PRO A 360 -14.13 -22.47 13.08
N TYR A 361 -15.36 -21.99 13.31
CA TYR A 361 -16.47 -22.30 12.38
C TYR A 361 -16.37 -21.43 11.13
N ARG A 362 -15.89 -20.18 11.27
CA ARG A 362 -15.72 -19.30 10.08
C ARG A 362 -14.62 -19.90 9.19
N TRP A 363 -13.49 -20.26 9.77
CA TRP A 363 -12.37 -20.88 9.02
C TRP A 363 -12.89 -22.17 8.35
N HIS A 364 -13.55 -23.04 9.13
CA HIS A 364 -14.00 -24.36 8.61
C HIS A 364 -14.88 -24.14 7.37
N ASP A 365 -15.91 -23.30 7.51
CA ASP A 365 -16.95 -23.17 6.46
C ASP A 365 -16.34 -22.46 5.26
N PHE A 366 -15.58 -21.38 5.48
CA PHE A 366 -14.94 -20.66 4.33
C PHE A 366 -13.96 -21.60 3.58
N VAL A 367 -13.04 -22.22 4.30
CA VAL A 367 -11.96 -22.98 3.59
C VAL A 367 -12.55 -24.24 2.93
N THR A 368 -13.49 -24.95 3.55
CA THR A 368 -14.08 -26.15 2.91
CA THR A 368 -14.13 -26.14 2.94
C THR A 368 -14.72 -25.70 1.59
N ALA A 369 -15.45 -24.60 1.56
CA ALA A 369 -16.16 -24.15 0.33
C ALA A 369 -15.11 -23.66 -0.69
N LEU A 370 -14.17 -22.84 -0.27
CA LEU A 370 -13.18 -22.21 -1.18
C LEU A 370 -12.21 -23.29 -1.69
N GLN A 371 -11.73 -24.22 -0.87
CA GLN A 371 -10.79 -25.27 -1.36
CA GLN A 371 -10.78 -25.26 -1.36
C GLN A 371 -11.49 -26.18 -2.37
N ALA A 372 -12.80 -26.41 -2.22
CA ALA A 372 -13.58 -27.24 -3.17
C ALA A 372 -13.66 -26.54 -4.53
N GLN A 373 -13.81 -25.20 -4.53
CA GLN A 373 -13.93 -24.41 -5.78
C GLN A 373 -12.55 -24.23 -6.41
N PHE A 374 -11.52 -24.03 -5.59
CA PHE A 374 -10.17 -23.58 -6.02
C PHE A 374 -9.14 -24.51 -5.42
N PRO A 375 -9.00 -25.73 -5.98
CA PRO A 375 -8.17 -26.75 -5.36
C PRO A 375 -6.68 -26.39 -5.40
N GLN A 376 -6.25 -25.41 -6.21
CA GLN A 376 -4.81 -25.08 -6.33
C GLN A 376 -4.41 -23.94 -5.37
N ILE A 377 -5.35 -23.25 -4.71
CA ILE A 377 -5.00 -22.06 -3.86
C ILE A 377 -4.59 -22.57 -2.48
N ARG A 378 -3.60 -21.95 -1.85
CA ARG A 378 -3.20 -22.25 -0.45
C ARG A 378 -3.83 -21.16 0.44
N PHE A 379 -4.61 -21.58 1.42
CA PHE A 379 -5.42 -20.73 2.32
C PHE A 379 -4.63 -20.51 3.61
N ILE A 380 -4.56 -19.27 4.03
CA ILE A 380 -3.75 -18.79 5.19
C ILE A 380 -4.73 -18.47 6.31
N ALA A 381 -4.49 -19.05 7.48
CA ALA A 381 -5.22 -18.85 8.74
C ALA A 381 -4.62 -17.65 9.49
N THR A 382 -5.44 -16.89 10.18
CA THR A 382 -4.99 -15.57 10.75
C THR A 382 -4.99 -15.61 12.27
N THR A 383 -5.49 -16.70 12.85
CA THR A 383 -5.39 -16.89 14.33
C THR A 383 -3.94 -17.12 14.73
N ASN A 384 -3.63 -17.03 16.03
CA ASN A 384 -2.32 -17.50 16.51
C ASN A 384 -2.12 -18.96 16.14
N ALA A 385 -0.88 -19.32 15.77
CA ALA A 385 -0.59 -20.67 15.23
C ALA A 385 -1.01 -21.71 16.25
N TRP A 386 -1.89 -22.61 15.82
CA TRP A 386 -2.27 -23.85 16.55
C TRP A 386 -3.15 -23.61 17.80
N ASN A 387 -3.54 -22.37 18.10
CA ASN A 387 -4.37 -22.01 19.27
C ASN A 387 -5.31 -20.88 18.86
N PRO A 388 -6.58 -21.14 18.48
CA PRO A 388 -7.21 -22.46 18.57
C PRO A 388 -6.89 -23.44 17.44
N VAL A 389 -7.17 -24.71 17.72
CA VAL A 389 -6.96 -25.82 16.77
C VAL A 389 -8.01 -25.66 15.69
N LEU A 390 -7.59 -25.58 14.46
CA LEU A 390 -8.54 -25.34 13.34
C LEU A 390 -8.72 -26.59 12.51
N SER A 391 -9.87 -26.71 11.86
CA SER A 391 -10.19 -27.77 10.89
C SER A 391 -10.84 -27.13 9.68
N PRO A 392 -10.39 -27.39 8.43
CA PRO A 392 -9.21 -28.21 8.19
C PRO A 392 -7.90 -27.67 8.76
N VAL A 393 -6.92 -28.56 8.89
CA VAL A 393 -5.55 -28.18 9.33
C VAL A 393 -5.02 -27.10 8.37
N PRO A 394 -4.66 -25.88 8.85
CA PRO A 394 -4.14 -24.88 7.94
C PRO A 394 -2.81 -25.31 7.31
N GLN A 395 -2.70 -25.10 6.01
CA GLN A 395 -1.41 -25.25 5.27
C GLN A 395 -0.47 -24.09 5.61
N SER A 396 -1.01 -22.94 6.05
CA SER A 396 -0.23 -21.71 6.28
C SER A 396 -0.88 -20.89 7.40
N TYR A 397 -0.04 -20.18 8.14
CA TYR A 397 -0.44 -19.16 9.13
C TYR A 397 0.24 -17.83 8.82
N ASP A 398 -0.49 -16.74 9.07
CA ASP A 398 0.03 -15.35 8.98
C ASP A 398 0.41 -14.92 10.40
N VAL A 399 1.67 -14.65 10.63
CA VAL A 399 2.19 -14.22 11.95
C VAL A 399 2.50 -12.71 11.87
N HIS A 400 1.98 -11.91 12.81
CA HIS A 400 2.20 -10.46 12.90
C HIS A 400 3.01 -10.16 14.17
N VAL A 401 4.01 -9.28 14.10
CA VAL A 401 4.72 -8.83 15.34
C VAL A 401 5.16 -7.36 15.24
N TYR A 402 4.83 -6.58 16.27
CA TYR A 402 5.27 -5.19 16.48
C TYR A 402 6.03 -5.19 17.81
N GLN A 403 7.30 -4.83 17.79
CA GLN A 403 8.17 -4.97 18.98
C GLN A 403 9.36 -4.00 18.91
N THR A 404 10.24 -4.05 19.93
CA THR A 404 11.40 -3.16 20.01
C THR A 404 12.46 -3.65 19.02
N PRO A 405 13.35 -2.76 18.53
CA PRO A 405 14.48 -3.17 17.70
C PRO A 405 15.28 -4.32 18.35
N THR A 406 15.50 -4.21 19.67
CA THR A 406 16.19 -5.25 20.48
C THR A 406 15.46 -6.60 20.43
N TRP A 407 14.13 -6.60 20.54
CA TRP A 407 13.33 -7.85 20.43
C TRP A 407 13.66 -8.53 19.10
N PHE A 408 13.76 -7.77 18.01
CA PHE A 408 13.94 -8.36 16.65
C PHE A 408 15.30 -9.08 16.58
N TYR A 409 16.39 -8.53 17.11
CA TYR A 409 17.67 -9.27 17.03
C TYR A 409 17.65 -10.42 18.04
N GLN A 410 17.00 -10.26 19.19
CA GLN A 410 16.98 -11.32 20.24
C GLN A 410 16.10 -12.48 19.76
N ASN A 411 15.28 -12.30 18.71
CA ASN A 411 14.26 -13.29 18.27
C ASN A 411 14.51 -13.70 16.82
N ALA A 412 15.75 -13.58 16.35
CA ALA A 412 16.17 -14.04 15.01
C ALA A 412 16.08 -15.56 14.92
N PHE A 413 16.05 -16.31 16.04
CA PHE A 413 15.91 -17.80 16.02
C PHE A 413 14.43 -18.21 16.22
N TYR A 414 13.50 -17.30 16.00
CA TYR A 414 12.04 -17.53 16.22
C TYR A 414 11.61 -18.83 15.51
N TYR A 415 11.99 -19.02 14.25
CA TYR A 415 11.50 -20.17 13.44
C TYR A 415 12.39 -21.44 13.56
N ASP A 416 13.58 -21.36 14.14
CA ASP A 416 14.56 -22.49 14.08
C ASP A 416 13.97 -23.75 14.74
N GLY A 417 13.23 -23.57 15.84
CA GLY A 417 12.66 -24.64 16.68
C GLY A 417 11.29 -25.15 16.19
N PHE A 418 10.67 -24.50 15.21
CA PHE A 418 9.42 -25.00 14.59
C PHE A 418 9.66 -26.39 13.99
N GLN A 419 8.63 -27.21 14.07
CA GLN A 419 8.57 -28.51 13.36
C GLN A 419 8.42 -28.25 11.86
N ARG A 420 9.02 -29.13 11.06
CA ARG A 420 8.90 -29.15 9.59
C ARG A 420 7.83 -30.19 9.26
N ASN A 421 6.56 -29.80 9.15
CA ASN A 421 5.45 -30.77 9.07
C ASN A 421 4.49 -30.36 7.94
N GLY A 422 4.99 -29.65 6.96
CA GLY A 422 4.19 -29.21 5.80
C GLY A 422 3.49 -27.87 6.05
N THR A 423 3.57 -27.25 7.24
CA THR A 423 2.95 -25.92 7.46
C THR A 423 3.95 -24.88 6.96
N THR A 424 3.50 -23.87 6.20
CA THR A 424 4.37 -22.70 5.91
C THR A 424 3.85 -21.47 6.65
N TYR A 425 4.76 -20.52 6.88
CA TYR A 425 4.53 -19.31 7.69
C TYR A 425 4.76 -18.06 6.85
N PHE A 426 3.82 -17.14 6.95
CA PHE A 426 3.82 -15.81 6.30
C PHE A 426 4.01 -14.78 7.38
N GLU A 427 5.12 -14.05 7.38
CA GLU A 427 5.32 -12.98 8.40
C GLU A 427 4.66 -11.72 7.82
N GLY A 428 3.33 -11.65 7.89
CA GLY A 428 2.51 -10.75 7.04
C GLY A 428 2.58 -9.29 7.46
N GLU A 429 2.96 -9.00 8.71
CA GLU A 429 3.19 -7.66 9.25
C GLU A 429 4.28 -7.78 10.31
N TYR A 430 5.37 -7.05 10.14
CA TYR A 430 6.35 -6.84 11.24
C TYR A 430 6.97 -5.46 11.08
N ALA A 431 7.45 -4.92 12.22
CA ALA A 431 8.16 -3.64 12.32
C ALA A 431 8.65 -3.49 13.76
N ALA A 432 9.83 -2.92 13.93
CA ALA A 432 10.30 -2.43 15.24
C ALA A 432 9.71 -1.04 15.40
N ILE A 433 8.82 -0.84 16.37
CA ILE A 433 7.95 0.37 16.35
C ILE A 433 8.25 1.32 17.48
N SER A 434 9.05 0.90 18.44
CA SER A 434 9.21 1.68 19.69
C SER A 434 10.45 1.17 20.40
N THR A 435 11.07 2.01 21.20
CA THR A 435 12.24 1.61 22.01
C THR A 435 11.81 1.32 23.45
N ASN A 436 10.52 1.40 23.74
CA ASN A 436 9.94 1.18 25.10
C ASN A 436 9.15 -0.13 25.13
N ALA A 437 9.79 -1.17 25.65
CA ALA A 437 9.22 -2.53 25.85
C ALA A 437 7.91 -2.48 26.66
N ASN A 438 7.70 -1.44 27.48
CA ASN A 438 6.53 -1.26 28.38
C ASN A 438 5.36 -0.55 27.70
N ASP A 439 5.55 0.11 26.55
CA ASP A 439 4.50 0.93 25.89
C ASP A 439 4.77 0.95 24.39
N LEU A 440 4.57 -0.18 23.74
CA LEU A 440 4.94 -0.35 22.32
C LEU A 440 4.09 0.60 21.47
N PHE A 441 2.83 0.84 21.83
CA PHE A 441 1.86 1.49 20.92
C PHE A 441 1.58 2.92 21.40
N GLY A 442 2.43 3.46 22.27
CA GLY A 442 2.18 4.79 22.88
C GLY A 442 2.72 5.95 22.05
N THR A 443 3.02 7.06 22.71
CA THR A 443 3.40 8.33 22.03
C THR A 443 4.89 8.30 21.65
N VAL A 444 5.27 9.18 20.74
CA VAL A 444 6.69 9.44 20.43
C VAL A 444 7.46 9.84 21.71
N ALA A 445 6.89 10.69 22.55
CA ALA A 445 7.52 11.11 23.83
C ALA A 445 7.88 9.87 24.66
N ASP A 446 7.07 8.81 24.58
CA ASP A 446 7.26 7.57 25.39
C ASP A 446 7.90 6.44 24.56
N GLY A 447 8.56 6.74 23.43
CA GLY A 447 9.53 5.82 22.79
C GLY A 447 9.06 5.29 21.44
N ARG A 448 7.84 5.60 21.03
CA ARG A 448 7.31 5.26 19.68
C ARG A 448 8.16 5.99 18.64
N LEU A 449 8.44 5.33 17.52
CA LEU A 449 9.27 5.88 16.44
C LEU A 449 8.34 6.59 15.45
N ALA A 450 8.63 7.86 15.20
CA ALA A 450 7.88 8.69 14.23
C ALA A 450 8.25 8.15 12.84
N PHE A 451 9.50 7.78 12.66
CA PHE A 451 10.06 7.18 11.41
C PHE A 451 10.99 6.05 11.77
N PRO A 452 11.24 5.09 10.86
CA PRO A 452 12.23 4.03 11.10
C PRO A 452 13.62 4.63 11.38
N THR A 453 14.39 4.00 12.26
CA THR A 453 15.74 4.50 12.62
C THR A 453 16.78 3.54 12.08
N VAL A 454 18.06 3.86 12.25
CA VAL A 454 19.12 2.87 11.93
C VAL A 454 18.96 1.65 12.90
N GLN A 455 18.71 1.91 14.17
CA GLN A 455 18.48 0.87 15.23
C GLN A 455 17.35 -0.08 14.82
N SER A 456 16.23 0.49 14.35
CA SER A 456 15.02 -0.31 14.03
C SER A 456 15.29 -1.11 12.76
N ALA A 457 15.90 -0.52 11.72
CA ALA A 457 16.17 -1.21 10.44
C ALA A 457 17.19 -2.35 10.68
N THR A 458 18.18 -2.18 11.57
CA THR A 458 19.23 -3.19 11.77
C THR A 458 18.67 -4.34 12.64
N GLY A 459 17.84 -4.04 13.64
CA GLY A 459 17.11 -5.07 14.38
C GLY A 459 16.27 -5.92 13.45
N GLU A 460 15.50 -5.24 12.61
CA GLU A 460 14.66 -5.95 11.62
C GLU A 460 15.57 -6.84 10.80
N ALA A 461 16.66 -6.30 10.27
CA ALA A 461 17.56 -7.05 9.37
C ALA A 461 18.05 -8.32 10.08
N ALA A 462 18.43 -8.23 11.37
CA ALA A 462 18.87 -9.43 12.10
C ALA A 462 17.74 -10.49 12.13
N PHE A 463 16.51 -10.07 12.43
CA PHE A 463 15.30 -10.94 12.42
C PHE A 463 15.11 -11.52 11.01
N MET A 464 15.34 -10.72 9.98
CA MET A 464 15.16 -11.18 8.56
C MET A 464 16.22 -12.24 8.15
N THR A 465 17.42 -12.22 8.74
CA THR A 465 18.41 -13.31 8.49
C THR A 465 17.78 -14.64 9.00
N GLY A 466 17.08 -14.65 10.18
CA GLY A 466 16.30 -15.80 10.68
C GLY A 466 15.24 -16.24 9.66
N LEU A 467 14.49 -15.30 9.11
CA LEU A 467 13.42 -15.63 8.11
C LEU A 467 14.06 -16.30 6.90
N GLU A 468 15.22 -15.82 6.42
CA GLU A 468 15.89 -16.42 5.23
C GLU A 468 16.44 -17.83 5.54
N ARG A 469 17.14 -17.99 6.68
CA ARG A 469 17.66 -19.30 7.15
C ARG A 469 16.52 -20.32 7.24
N ASN A 470 15.38 -19.89 7.75
CA ASN A 470 14.23 -20.76 8.03
C ASN A 470 13.23 -20.67 6.86
N SER A 471 13.69 -20.36 5.66
CA SER A 471 12.79 -20.17 4.48
C SER A 471 12.38 -21.49 3.82
N ASP A 472 12.79 -22.62 4.36
CA ASP A 472 12.16 -23.93 4.09
C ASP A 472 10.70 -23.82 4.55
N ILE A 473 10.41 -23.18 5.68
CA ILE A 473 9.02 -23.07 6.23
C ILE A 473 8.47 -21.63 6.14
N VAL A 474 9.33 -20.60 6.16
CA VAL A 474 8.89 -19.18 6.00
C VAL A 474 8.82 -18.89 4.50
N PHE A 475 7.63 -18.69 3.96
CA PHE A 475 7.52 -18.53 2.48
C PHE A 475 7.43 -17.08 2.02
N ALA A 476 7.11 -16.15 2.92
CA ALA A 476 6.76 -14.73 2.63
C ALA A 476 6.87 -13.87 3.88
N ALA A 477 7.28 -12.62 3.69
CA ALA A 477 7.49 -11.67 4.81
C ALA A 477 7.36 -10.23 4.30
N SER A 478 6.53 -9.45 4.96
CA SER A 478 6.33 -8.00 4.67
C SER A 478 6.35 -7.15 5.95
N TYR A 479 7.09 -6.05 5.90
CA TYR A 479 7.03 -4.90 6.84
C TYR A 479 5.63 -4.31 6.78
N ALA A 480 5.16 -3.79 7.89
CA ALA A 480 3.90 -2.99 7.88
C ALA A 480 3.95 -1.87 8.90
N PRO A 481 3.26 -0.74 8.66
CA PRO A 481 2.63 -0.42 7.37
C PRO A 481 3.64 0.04 6.30
N LEU A 482 3.23 -0.05 5.03
CA LEU A 482 4.09 0.29 3.89
C LEU A 482 4.26 1.81 3.73
N LEU A 483 3.17 2.57 3.77
CA LEU A 483 3.07 3.96 3.21
C LEU A 483 2.46 4.90 4.23
N GLN A 484 2.89 6.16 4.20
CA GLN A 484 2.48 7.20 5.17
C GLN A 484 2.40 8.57 4.49
N HIS A 485 1.18 9.12 4.33
CA HIS A 485 1.01 10.57 4.10
C HIS A 485 1.39 11.32 5.41
N VAL A 486 2.49 12.07 5.41
CA VAL A 486 2.96 12.79 6.64
C VAL A 486 1.92 13.84 7.09
N ASN A 487 0.94 14.22 6.26
CA ASN A 487 -0.11 15.19 6.70
C ASN A 487 -1.36 14.48 7.24
N SER A 488 -1.40 13.13 7.26
CA SER A 488 -2.57 12.38 7.78
C SER A 488 -2.13 10.97 8.15
N THR A 489 -1.53 10.87 9.33
CA THR A 489 -0.90 9.69 9.90
C THR A 489 -1.78 9.08 11.01
N GLN A 490 -2.13 7.80 10.91
CA GLN A 490 -2.82 7.05 12.00
C GLN A 490 -1.88 6.07 12.70
N TRP A 491 -0.70 5.79 12.11
CA TRP A 491 0.24 4.76 12.58
C TRP A 491 1.65 5.09 12.13
N THR A 492 2.61 5.09 13.06
CA THR A 492 4.06 5.15 12.77
C THR A 492 4.74 3.96 13.48
N PRO A 493 5.95 3.53 13.07
CA PRO A 493 6.60 4.00 11.86
C PRO A 493 6.12 3.27 10.61
N ASP A 494 6.45 3.84 9.45
CA ASP A 494 6.02 3.35 8.11
C ASP A 494 7.24 3.25 7.20
N LEU A 495 7.17 2.36 6.21
CA LEU A 495 8.35 2.00 5.38
C LEU A 495 8.72 3.18 4.46
N VAL A 496 7.70 3.86 3.94
CA VAL A 496 7.86 4.91 2.91
C VAL A 496 6.88 6.02 3.23
N SER A 497 7.38 7.26 3.32
CA SER A 497 6.54 8.41 3.69
C SER A 497 6.53 9.38 2.51
N TYR A 498 5.59 10.31 2.52
CA TYR A 498 5.45 11.30 1.43
C TYR A 498 4.50 12.41 1.85
N ASP A 499 4.62 13.53 1.14
CA ASP A 499 3.57 14.56 1.17
C ASP A 499 3.05 14.64 -0.28
N ALA A 500 2.35 15.71 -0.63
CA ALA A 500 1.78 15.84 -1.99
C ALA A 500 2.89 15.91 -3.03
N GLY A 501 4.12 16.22 -2.60
CA GLY A 501 5.24 16.62 -3.49
C GLY A 501 6.33 15.59 -3.65
N SER A 502 6.68 14.83 -2.61
CA SER A 502 7.93 14.04 -2.69
C SER A 502 7.86 12.87 -1.72
N VAL A 503 8.82 11.96 -1.85
CA VAL A 503 8.83 10.66 -1.13
C VAL A 503 10.04 10.63 -0.18
N ILE A 504 9.88 9.98 0.96
CA ILE A 504 10.98 9.72 1.92
C ILE A 504 11.15 8.20 2.03
N LYS A 505 12.31 7.70 1.63
CA LYS A 505 12.69 6.26 1.73
C LYS A 505 13.35 6.04 3.09
N SER A 506 12.73 5.26 3.97
CA SER A 506 13.21 5.09 5.38
C SER A 506 14.48 4.22 5.44
N THR A 507 15.11 4.14 6.61
CA THR A 507 16.18 3.19 6.87
C THR A 507 15.65 1.77 6.65
N SER A 508 14.44 1.49 7.10
CA SER A 508 13.80 0.17 7.01
C SER A 508 13.54 -0.18 5.55
N PHE A 509 13.25 0.81 4.71
CA PHE A 509 13.01 0.58 3.25
C PHE A 509 14.32 0.05 2.63
N PHE A 510 15.44 0.65 3.00
CA PHE A 510 16.75 0.22 2.45
C PHE A 510 17.07 -1.19 2.96
N ALA A 511 16.81 -1.53 4.23
CA ALA A 511 16.98 -2.92 4.69
C ALA A 511 16.14 -3.88 3.85
N GLN A 512 14.87 -3.58 3.59
CA GLN A 512 13.96 -4.41 2.79
C GLN A 512 14.55 -4.58 1.38
N LYS A 513 14.97 -3.47 0.77
CA LYS A 513 15.55 -3.45 -0.57
C LYS A 513 16.82 -4.31 -0.65
N LEU A 514 17.74 -4.16 0.31
CA LEU A 514 19.02 -4.89 0.31
C LEU A 514 18.75 -6.39 0.45
N PHE A 515 17.80 -6.80 1.32
CA PHE A 515 17.43 -8.23 1.49
C PHE A 515 16.78 -8.79 0.21
N ALA A 516 15.89 -8.05 -0.45
CA ALA A 516 15.08 -8.56 -1.57
C ALA A 516 15.84 -8.55 -2.89
N LEU A 517 16.70 -7.56 -3.12
CA LEU A 517 17.40 -7.42 -4.43
C LEU A 517 18.60 -8.37 -4.52
N ASN A 518 19.09 -8.87 -3.39
CA ASN A 518 20.36 -9.63 -3.27
C ASN A 518 20.03 -11.00 -2.66
N LYS A 519 19.31 -11.82 -3.42
CA LYS A 519 18.70 -13.08 -2.91
C LYS A 519 18.81 -14.17 -3.97
N GLY A 520 19.52 -15.25 -3.65
CA GLY A 520 19.64 -16.40 -4.56
C GLY A 520 18.52 -17.40 -4.35
N ASP A 521 18.49 -18.46 -5.18
CA ASP A 521 17.46 -19.52 -5.13
C ASP A 521 17.94 -20.65 -4.21
N GLN A 522 19.21 -20.64 -3.77
CA GLN A 522 19.79 -21.69 -2.90
C GLN A 522 20.12 -21.09 -1.54
N TYR A 523 19.76 -21.74 -0.44
CA TYR A 523 20.23 -21.34 0.91
C TYR A 523 21.50 -22.14 1.22
N LEU A 524 22.60 -21.45 1.54
CA LEU A 524 23.89 -22.08 1.90
C LEU A 524 24.04 -22.01 3.41
N PRO A 525 24.02 -23.15 4.11
CA PRO A 525 24.19 -23.12 5.55
C PRO A 525 25.55 -22.55 5.91
N SER A 526 25.65 -21.94 7.08
CA SER A 526 26.92 -21.38 7.56
C SER A 526 26.93 -21.55 9.06
N THR A 527 28.07 -21.34 9.66
CA THR A 527 28.20 -21.15 11.12
C THR A 527 26.99 -20.37 11.60
N LEU A 528 26.33 -20.86 12.64
CA LEU A 528 25.14 -20.18 13.20
C LEU A 528 25.59 -18.95 13.96
N PRO A 529 24.88 -17.80 13.82
CA PRO A 529 24.98 -16.67 14.74
C PRO A 529 24.72 -17.10 16.18
N THR A 530 25.23 -16.32 17.13
CA THR A 530 24.86 -16.51 18.55
C THR A 530 23.38 -16.17 18.70
N ASN A 531 22.57 -17.10 19.20
CA ASN A 531 21.14 -16.92 19.51
C ASN A 531 21.03 -15.96 20.68
N GLY A 532 20.46 -14.75 20.48
CA GLY A 532 20.43 -13.71 21.52
C GLY A 532 21.41 -12.57 21.26
N GLY A 533 22.40 -12.81 20.38
CA GLY A 533 23.47 -11.84 20.05
C GLY A 533 23.02 -10.78 19.05
N THR A 534 23.84 -9.76 18.84
CA THR A 534 23.51 -8.58 17.99
C THR A 534 23.92 -8.82 16.55
N LEU A 535 24.74 -9.84 16.31
CA LEU A 535 25.39 -10.04 15.00
C LEU A 535 24.82 -11.28 14.32
N HIS A 536 24.29 -11.09 13.13
CA HIS A 536 23.51 -12.14 12.41
C HIS A 536 23.84 -12.04 10.93
N TRP A 537 23.74 -13.17 10.23
CA TRP A 537 24.00 -13.26 8.77
C TRP A 537 23.17 -14.36 8.13
N SER A 538 23.06 -14.25 6.83
CA SER A 538 22.34 -15.25 6.01
C SER A 538 22.94 -15.24 4.61
N ILE A 539 23.20 -16.40 4.04
CA ILE A 539 23.90 -16.53 2.74
C ILE A 539 23.03 -17.32 1.79
N THR A 540 22.79 -16.75 0.61
CA THR A 540 22.15 -17.46 -0.51
C THR A 540 23.00 -17.39 -1.78
N ARG A 541 22.63 -18.14 -2.81
CA ARG A 541 23.41 -18.23 -4.06
C ARG A 541 22.44 -18.46 -5.21
N ALA A 542 22.68 -17.80 -6.34
CA ALA A 542 21.94 -17.96 -7.61
C ALA A 542 22.55 -19.14 -8.40
N SER A 543 21.80 -20.23 -8.50
CA SER A 543 22.29 -21.50 -9.10
C SER A 543 22.77 -21.24 -10.53
N SER A 544 22.18 -20.29 -11.26
CA SER A 544 22.38 -20.12 -12.72
C SER A 544 23.67 -19.33 -13.00
N SER A 545 24.11 -18.51 -12.03
CA SER A 545 25.19 -17.49 -12.17
C SER A 545 26.33 -17.76 -11.19
N GLY A 546 26.07 -18.35 -10.03
CA GLY A 546 26.98 -18.45 -8.87
C GLY A 546 27.08 -17.17 -8.06
N LYS A 547 26.30 -16.14 -8.41
CA LYS A 547 26.26 -14.91 -7.57
C LYS A 547 25.86 -15.34 -6.16
N THR A 548 26.66 -14.95 -5.17
CA THR A 548 26.56 -15.39 -3.76
C THR A 548 26.41 -14.15 -2.88
N PHE A 549 25.30 -14.09 -2.15
CA PHE A 549 24.87 -12.91 -1.36
C PHE A 549 25.05 -13.19 0.13
N ILE A 550 26.01 -12.51 0.75
CA ILE A 550 26.25 -12.61 2.20
C ILE A 550 25.61 -11.37 2.89
N LYS A 551 24.48 -11.57 3.56
CA LYS A 551 23.76 -10.46 4.19
C LYS A 551 24.10 -10.50 5.68
N ILE A 552 24.58 -9.39 6.20
CA ILE A 552 25.09 -9.26 7.60
C ILE A 552 24.33 -8.13 8.28
N ALA A 553 23.69 -8.41 9.41
CA ALA A 553 23.07 -7.41 10.28
C ALA A 553 23.90 -7.28 11.57
N ASN A 554 24.46 -6.10 11.81
CA ASN A 554 24.96 -5.75 13.17
C ASN A 554 23.95 -4.81 13.80
N ALA A 555 23.12 -5.30 14.72
CA ALA A 555 22.01 -4.56 15.36
C ALA A 555 22.42 -3.99 16.71
N GLY A 556 23.72 -4.08 17.05
CA GLY A 556 24.25 -3.61 18.33
C GLY A 556 25.18 -2.42 18.19
N SER A 557 25.69 -1.95 19.31
CA SER A 557 26.44 -0.69 19.40
C SER A 557 27.94 -0.93 19.24
N SER A 558 28.37 -2.18 19.10
CA SER A 558 29.80 -2.56 18.92
C SER A 558 30.02 -3.03 17.47
N ALA A 559 31.09 -2.55 16.84
CA ALA A 559 31.64 -3.10 15.59
C ALA A 559 32.03 -4.56 15.82
N GLN A 560 31.90 -5.41 14.81
CA GLN A 560 32.18 -6.87 14.94
C GLN A 560 32.89 -7.39 13.68
N SER A 561 33.99 -8.10 13.88
CA SER A 561 34.77 -8.69 12.77
C SER A 561 34.20 -10.06 12.38
N LEU A 562 34.05 -10.30 11.07
CA LEU A 562 33.71 -11.59 10.48
C LEU A 562 34.79 -11.99 9.48
N THR A 563 35.35 -13.19 9.67
CA THR A 563 36.28 -13.82 8.70
C THR A 563 35.48 -14.91 8.01
N PHE A 564 35.23 -14.77 6.71
CA PHE A 564 34.52 -15.79 5.90
C PHE A 564 35.49 -16.81 5.32
N GLN A 565 35.14 -18.11 5.43
CA GLN A 565 35.92 -19.25 4.91
C GLN A 565 35.07 -19.95 3.84
N LEU A 566 35.46 -19.83 2.57
CA LEU A 566 34.78 -20.40 1.38
C LEU A 566 35.66 -21.51 0.74
N THR A 567 36.47 -22.15 1.56
CA THR A 567 37.46 -23.20 1.15
C THR A 567 36.73 -24.37 0.45
N GLN A 568 35.47 -24.67 0.76
CA GLN A 568 34.71 -25.82 0.17
C GLN A 568 34.43 -25.57 -1.31
N PHE A 569 34.49 -24.33 -1.78
CA PHE A 569 34.26 -23.97 -3.21
C PHE A 569 35.51 -24.29 -4.03
N ASN A 570 35.33 -24.61 -5.32
CA ASN A 570 36.37 -24.74 -6.39
C ASN A 570 36.97 -23.35 -6.65
N SER A 571 36.13 -22.32 -6.91
CA SER A 571 36.56 -20.91 -7.18
C SER A 571 35.71 -19.90 -6.40
N VAL A 572 36.34 -18.81 -5.97
CA VAL A 572 35.66 -17.59 -5.44
C VAL A 572 36.25 -16.39 -6.18
N SER A 573 35.44 -15.47 -6.70
CA SER A 573 35.91 -14.25 -7.42
C SER A 573 36.92 -13.51 -6.52
N SER A 574 37.89 -12.85 -7.15
CA SER A 574 38.99 -12.13 -6.45
C SER A 574 38.51 -10.79 -5.87
N THR A 575 37.36 -10.30 -6.31
CA THR A 575 36.68 -9.10 -5.74
C THR A 575 35.19 -9.38 -5.55
N GLY A 576 34.60 -8.61 -4.64
CA GLY A 576 33.15 -8.58 -4.38
C GLY A 576 32.65 -7.16 -4.28
N THR A 577 31.33 -6.97 -4.33
CA THR A 577 30.67 -5.66 -4.06
C THR A 577 30.23 -5.67 -2.62
N LEU A 578 30.38 -4.53 -1.95
CA LEU A 578 29.87 -4.26 -0.60
C LEU A 578 28.80 -3.17 -0.70
N GLN A 579 27.61 -3.46 -0.21
CA GLN A 579 26.55 -2.45 -0.05
C GLN A 579 26.28 -2.34 1.43
N VAL A 580 26.44 -1.14 2.00
CA VAL A 580 26.27 -0.95 3.47
C VAL A 580 25.30 0.21 3.77
N LEU A 581 24.37 -0.04 4.66
CA LEU A 581 23.49 0.94 5.31
C LEU A 581 23.91 1.07 6.78
N THR A 582 24.38 2.24 7.18
CA THR A 582 24.81 2.46 8.59
C THR A 582 24.65 3.95 8.90
N GLY A 583 24.70 4.29 10.17
CA GLY A 583 24.60 5.67 10.65
C GLY A 583 24.47 5.64 12.15
N PRO A 584 24.26 6.82 12.77
CA PRO A 584 23.97 6.88 14.20
C PRO A 584 22.74 6.03 14.53
N GLU A 585 22.75 5.39 15.69
CA GLU A 585 21.67 4.54 16.22
C GLU A 585 20.29 5.15 15.94
N THR A 586 20.05 6.43 16.28
CA THR A 586 18.68 7.00 16.29
C THR A 586 18.42 7.83 15.03
N ALA A 587 19.29 7.75 14.04
CA ALA A 587 19.18 8.54 12.80
C ALA A 587 18.03 7.99 11.97
N SER A 588 17.27 8.91 11.35
CA SER A 588 16.06 8.66 10.54
C SER A 588 16.19 9.47 9.27
N ASN A 589 15.56 9.00 8.20
CA ASN A 589 15.21 9.84 7.05
C ASN A 589 13.87 10.54 7.35
N THR A 590 13.84 11.87 7.30
CA THR A 590 12.67 12.72 7.69
C THR A 590 12.30 13.62 6.52
N PRO A 591 11.12 14.26 6.50
CA PRO A 591 10.83 15.26 5.47
C PRO A 591 11.90 16.36 5.38
N GLU A 592 12.53 16.75 6.49
CA GLU A 592 13.50 17.87 6.53
C GLU A 592 14.88 17.36 6.08
N ALA A 593 15.20 16.09 6.29
CA ALA A 593 16.47 15.45 5.87
C ALA A 593 16.16 14.10 5.24
N PRO A 594 15.61 14.06 4.01
CA PRO A 594 15.14 12.81 3.41
C PRO A 594 16.26 11.87 2.94
N GLN A 595 17.50 12.38 2.83
CA GLN A 595 18.68 11.54 2.44
C GLN A 595 19.69 11.48 3.58
N ALA A 596 19.30 11.61 4.83
CA ALA A 596 20.32 11.56 5.91
C ALA A 596 21.06 10.22 5.87
N ILE A 597 20.35 9.09 5.66
CA ILE A 597 20.89 7.71 5.76
C ILE A 597 20.60 7.01 4.45
N VAL A 598 21.62 6.75 3.63
CA VAL A 598 21.47 5.99 2.35
C VAL A 598 22.61 4.99 2.18
N PRO A 599 22.37 3.91 1.39
CA PRO A 599 23.37 2.85 1.24
C PRO A 599 24.56 3.37 0.42
N LYS A 600 25.75 2.83 0.70
CA LYS A 600 27.02 3.08 -0.03
C LYS A 600 27.52 1.75 -0.62
N THR A 601 27.86 1.79 -1.91
CA THR A 601 28.38 0.64 -2.68
C THR A 601 29.89 0.85 -2.94
N SER A 602 30.67 -0.19 -2.75
CA SER A 602 32.14 -0.17 -2.96
C SER A 602 32.60 -1.54 -3.47
N THR A 603 33.87 -1.65 -3.87
CA THR A 603 34.48 -2.95 -4.23
C THR A 603 35.45 -3.36 -3.11
N ILE A 604 35.37 -4.62 -2.70
CA ILE A 604 36.31 -5.22 -1.70
C ILE A 604 37.00 -6.42 -2.34
N GLY A 605 38.17 -6.73 -1.78
CA GLY A 605 38.97 -7.92 -2.11
C GLY A 605 38.36 -9.13 -1.46
N THR A 606 38.20 -10.19 -2.25
CA THR A 606 37.56 -11.44 -1.78
C THR A 606 38.37 -12.65 -2.26
N GLY A 607 37.88 -13.82 -1.91
CA GLY A 607 38.48 -15.11 -2.30
C GLY A 607 38.02 -16.12 -1.29
N LYS A 608 38.82 -17.14 -1.05
CA LYS A 608 38.40 -18.25 -0.17
C LYS A 608 38.51 -17.84 1.29
N THR A 609 39.24 -16.78 1.60
CA THR A 609 39.20 -16.15 2.92
C THR A 609 39.18 -14.63 2.77
N PHE A 610 38.33 -13.92 3.51
CA PHE A 610 38.37 -12.44 3.64
C PHE A 610 37.71 -12.05 4.95
N THR A 611 38.09 -10.88 5.45
CA THR A 611 37.66 -10.31 6.73
C THR A 611 36.93 -8.99 6.49
N TYR A 612 35.77 -8.84 7.11
CA TYR A 612 34.92 -7.63 7.06
C TYR A 612 34.57 -7.22 8.47
N ASN A 613 34.82 -5.94 8.81
CA ASN A 613 34.40 -5.30 10.07
C ASN A 613 33.02 -4.70 9.87
N ALA A 614 31.99 -5.38 10.37
CA ALA A 614 30.58 -4.92 10.36
C ALA A 614 30.44 -3.82 11.41
N PRO A 615 30.28 -2.53 10.99
CA PRO A 615 30.15 -1.43 11.96
C PRO A 615 28.90 -1.65 12.82
N ALA A 616 28.93 -1.06 14.02
CA ALA A 616 27.75 -0.90 14.90
C ALA A 616 26.58 -0.46 14.01
N PHE A 617 25.38 -0.97 14.27
CA PHE A 617 24.14 -0.52 13.60
C PHE A 617 24.38 -0.45 12.09
N SER A 618 24.63 -1.60 11.49
CA SER A 618 24.82 -1.71 10.03
C SER A 618 24.04 -2.87 9.44
N VAL A 619 23.61 -2.67 8.21
CA VAL A 619 23.17 -3.77 7.31
C VAL A 619 24.15 -3.79 6.14
N SER A 620 24.72 -4.94 5.85
CA SER A 620 25.77 -5.07 4.80
C SER A 620 25.39 -6.23 3.90
N VAL A 621 25.65 -6.05 2.62
CA VAL A 621 25.54 -7.14 1.61
C VAL A 621 26.87 -7.27 0.88
N ILE A 622 27.51 -8.43 0.97
CA ILE A 622 28.74 -8.76 0.16
C ILE A 622 28.32 -9.76 -0.92
N THR A 623 28.53 -9.37 -2.15
CA THR A 623 28.26 -10.22 -3.33
C THR A 623 29.56 -10.69 -3.98
N VAL A 624 29.74 -11.99 -4.08
CA VAL A 624 30.93 -12.63 -4.73
C VAL A 624 30.37 -13.66 -5.69
N THR A 625 31.18 -14.17 -6.59
CA THR A 625 30.77 -15.32 -7.44
C THR A 625 31.50 -16.57 -6.96
N THR A 626 30.78 -17.68 -6.75
CA THR A 626 31.32 -18.95 -6.23
C THR A 626 30.93 -20.08 -7.18
N ASN A 627 31.80 -21.08 -7.31
CA ASN A 627 31.56 -22.30 -8.12
C ASN A 627 32.37 -23.42 -7.48
#